data_3E7V
#
_entry.id   3E7V
#
_cell.length_a   78.497
_cell.length_b   86.952
_cell.length_c   68.460
_cell.angle_alpha   90.00
_cell.angle_beta   90.00
_cell.angle_gamma   90.00
#
_symmetry.space_group_name_H-M   'P 21 21 21'
#
loop_
_entity.id
_entity.type
_entity.pdbx_description
1 polymer 'Serine/threonine-protein kinase haspin'
2 non-polymer 3-(3-aminophenyl)-N-(3-chlorophenyl)pyrazolo[1,5-a]pyrimidin-5-amine
3 non-polymer 'NICKEL (II) ION'
4 non-polymer 1,2-ETHANEDIOL
5 water water
#
_entity_poly.entity_id   1
_entity_poly.type   'polypeptide(L)'
_entity_poly.pdbx_seq_one_letter_code
;MHHHHHHSSGVDLGTENLYFQSMGECSQKGPVPFSHCLPTEKLQRCEKIGEGVFGEVFQTIADHTPVAIKIIAIEGPDLV
NGSHQKTFEEILPEIIISKELSLLSGEVCNRTEGFIGLNSVHCVQGSYPPLLLKAWDHYNSTKGSANDRPDFFKDDQLFI
VLEFEFGGIDLEQMRTKLSSLATAKSILHQLTASLAVAEASLRFEHRDLHWGNVLLKKTSLKKLHYTLNGKSSTIPSCGL
QVSIIDYTLSRLERDGIVVFCDVSMDEDLFTGDGDYQFDIYRLMKKENNNRWGEYHPYSNVLWLHYLTDKMLKQMTFKTK
CNTPAMKQIKRKIQEFHRTMLNFSSATDLLCQHSLFK
;
_entity_poly.pdbx_strand_id   A
#
loop_
_chem_comp.id
_chem_comp.type
_chem_comp.name
_chem_comp.formula
DZO non-polymer 3-(3-aminophenyl)-N-(3-chlorophenyl)pyrazolo[1,5-a]pyrimidin-5-amine 'C18 H14 Cl N5'
EDO non-polymer 1,2-ETHANEDIOL 'C2 H6 O2'
NI non-polymer 'NICKEL (II) ION' 'Ni 2'
#
# COMPACT_ATOMS: atom_id res chain seq x y z
N GLY A 30 -15.34 5.80 24.66
CA GLY A 30 -14.11 5.05 25.09
C GLY A 30 -13.81 3.87 24.19
N PRO A 31 -12.69 3.17 24.46
CA PRO A 31 -12.34 1.99 23.65
C PRO A 31 -13.33 0.86 23.83
N VAL A 32 -13.29 -0.13 22.94
CA VAL A 32 -14.08 -1.35 23.08
C VAL A 32 -13.11 -2.49 23.46
N PRO A 33 -13.64 -3.55 24.09
CA PRO A 33 -12.72 -4.65 24.38
C PRO A 33 -12.35 -5.33 23.07
N PHE A 34 -11.25 -6.07 23.05
CA PHE A 34 -10.85 -6.77 21.84
C PHE A 34 -11.97 -7.67 21.29
N SER A 35 -12.67 -8.34 22.19
CA SER A 35 -13.81 -9.22 21.85
C SER A 35 -14.84 -8.56 20.98
N HIS A 36 -15.01 -7.25 21.13
CA HIS A 36 -15.92 -6.52 20.25
C HIS A 36 -15.55 -6.66 18.78
N CYS A 37 -14.28 -6.38 18.47
CA CYS A 37 -13.73 -6.49 17.12
C CYS A 37 -13.46 -7.88 16.67
N LEU A 38 -12.88 -8.65 17.56
CA LEU A 38 -12.36 -9.98 17.26
C LEU A 38 -12.95 -10.99 18.22
N PRO A 39 -14.23 -11.38 17.99
CA PRO A 39 -14.76 -12.42 18.81
C PRO A 39 -14.11 -13.76 18.44
N THR A 40 -14.45 -14.81 19.17
CA THR A 40 -13.65 -16.04 19.13
C THR A 40 -13.49 -16.60 17.72
N GLU A 41 -14.58 -16.60 16.96
CA GLU A 41 -14.58 -17.33 15.69
C GLU A 41 -13.66 -16.61 14.67
N LYS A 42 -13.72 -15.28 14.72
CA LYS A 42 -12.82 -14.39 13.98
C LYS A 42 -11.34 -14.52 14.36
N LEU A 43 -11.05 -14.52 15.69
CA LEU A 43 -9.70 -14.78 16.20
C LEU A 43 -9.19 -16.13 15.78
N GLN A 44 -10.04 -17.14 15.82
CA GLN A 44 -9.65 -18.46 15.39
C GLN A 44 -9.35 -18.58 13.89
N ARG A 45 -9.89 -17.68 13.06
CA ARG A 45 -9.60 -17.73 11.64
C ARG A 45 -8.49 -16.76 11.20
N CYS A 46 -7.92 -16.04 12.16
CA CYS A 46 -6.83 -15.12 11.89
C CYS A 46 -5.57 -15.85 11.43
N GLU A 47 -4.98 -15.38 10.33
CA GLU A 47 -3.66 -15.80 9.90
C GLU A 47 -2.85 -14.54 9.69
N LYS A 48 -1.62 -14.47 10.19
CA LYS A 48 -0.78 -13.26 9.96
C LYS A 48 -0.35 -13.23 8.50
N ILE A 49 -0.54 -12.09 7.85
CA ILE A 49 -0.16 -11.96 6.44
C ILE A 49 0.94 -10.94 6.16
N GLY A 50 1.27 -10.16 7.18
CA GLY A 50 2.23 -9.11 7.03
C GLY A 50 2.51 -8.31 8.29
N GLU A 51 3.48 -7.40 8.16
CA GLU A 51 3.94 -6.60 9.29
C GLU A 51 4.64 -5.33 8.83
N GLY A 52 4.86 -4.44 9.80
CA GLY A 52 5.77 -3.31 9.64
C GLY A 52 6.14 -2.86 11.03
N VAL A 53 7.01 -1.85 11.11
CA VAL A 53 7.29 -1.21 12.41
C VAL A 53 6.00 -0.81 13.13
N PHE A 54 5.02 -0.38 12.33
CA PHE A 54 3.67 0.04 12.81
C PHE A 54 2.92 -0.98 13.64
N GLY A 55 3.21 -2.25 13.40
CA GLY A 55 2.40 -3.34 13.90
C GLY A 55 2.17 -4.50 12.92
N GLU A 56 0.95 -5.04 12.95
CA GLU A 56 0.68 -6.39 12.45
C GLU A 56 -0.54 -6.42 11.55
N VAL A 57 -0.50 -7.31 10.57
CA VAL A 57 -1.61 -7.48 9.62
C VAL A 57 -2.04 -8.95 9.56
N PHE A 58 -3.35 -9.19 9.75
CA PHE A 58 -3.93 -10.51 9.81
C PHE A 58 -5.03 -10.61 8.73
N GLN A 59 -5.16 -11.76 8.09
CA GLN A 59 -6.36 -12.05 7.28
C GLN A 59 -7.32 -12.80 8.20
N THR A 60 -8.60 -12.57 8.01
CA THR A 60 -9.62 -13.39 8.70
C THR A 60 -10.90 -13.35 7.92
N ILE A 61 -11.97 -13.80 8.55
CA ILE A 61 -13.29 -13.87 7.96
C ILE A 61 -14.25 -13.06 8.82
N ALA A 62 -14.99 -12.16 8.17
CA ALA A 62 -16.06 -11.37 8.81
C ALA A 62 -17.31 -11.59 8.00
N ASP A 63 -18.33 -12.20 8.59
CA ASP A 63 -19.58 -12.55 7.87
C ASP A 63 -19.31 -13.21 6.51
N HIS A 64 -18.58 -14.32 6.57
CA HIS A 64 -18.26 -15.15 5.43
C HIS A 64 -17.47 -14.44 4.34
N THR A 65 -16.80 -13.36 4.71
CA THR A 65 -16.12 -12.49 3.78
C THR A 65 -14.67 -12.31 4.28
N PRO A 66 -13.69 -12.58 3.39
CA PRO A 66 -12.31 -12.30 3.77
C PRO A 66 -12.04 -10.81 4.01
N VAL A 67 -11.36 -10.52 5.11
CA VAL A 67 -10.93 -9.18 5.43
C VAL A 67 -9.47 -9.19 5.88
N ALA A 68 -8.85 -8.02 5.82
CA ALA A 68 -7.53 -7.82 6.41
C ALA A 68 -7.65 -6.81 7.57
N ILE A 69 -6.93 -7.12 8.64
CA ILE A 69 -6.99 -6.37 9.88
C ILE A 69 -5.56 -5.88 10.18
N LYS A 70 -5.38 -4.56 10.24
CA LYS A 70 -4.16 -3.90 10.67
C LYS A 70 -4.38 -3.45 12.11
N ILE A 71 -3.46 -3.85 12.98
CA ILE A 71 -3.53 -3.57 14.39
C ILE A 71 -2.30 -2.78 14.80
N ILE A 72 -2.54 -1.58 15.31
CA ILE A 72 -1.51 -0.64 15.72
C ILE A 72 -1.65 -0.31 17.22
N ALA A 73 -0.57 -0.56 17.99
CA ALA A 73 -0.49 -0.13 19.39
C ALA A 73 -0.34 1.39 19.48
N ILE A 74 -1.18 2.03 20.29
CA ILE A 74 -1.09 3.48 20.47
C ILE A 74 -1.00 3.90 21.96
N GLU A 75 -0.34 5.03 22.18
CA GLU A 75 -0.45 5.83 23.40
C GLU A 75 0.33 5.28 24.60
N GLY A 76 0.98 4.12 24.45
CA GLY A 76 1.63 3.40 25.56
C GLY A 76 3.10 3.74 25.70
N PRO A 77 3.71 3.41 26.87
CA PRO A 77 5.10 3.76 27.17
C PRO A 77 6.16 2.82 26.61
N ASP A 78 5.79 1.60 26.23
CA ASP A 78 6.77 0.62 25.80
C ASP A 78 7.27 0.91 24.38
N LEU A 79 8.55 0.62 24.17
CA LEU A 79 9.10 0.59 22.81
C LEU A 79 8.50 -0.63 22.13
N VAL A 80 8.12 -0.46 20.86
CA VAL A 80 7.52 -1.50 20.02
C VAL A 80 8.29 -1.54 18.70
N ASN A 81 8.86 -2.69 18.35
CA ASN A 81 9.55 -2.84 17.07
C ASN A 81 10.58 -1.72 16.84
N GLY A 82 11.27 -1.34 17.92
CA GLY A 82 12.35 -0.38 17.85
C GLY A 82 11.98 1.09 17.96
N SER A 83 10.70 1.37 18.12
CA SER A 83 10.20 2.76 18.14
C SER A 83 9.23 3.02 19.30
N HIS A 84 9.11 4.27 19.68
CA HIS A 84 7.99 4.71 20.52
C HIS A 84 6.66 4.53 19.75
N GLN A 85 5.59 4.29 20.51
CA GLN A 85 4.25 4.21 19.95
C GLN A 85 3.74 5.57 19.51
N LYS A 86 2.99 5.57 18.41
CA LYS A 86 2.25 6.77 17.97
C LYS A 86 1.12 7.04 18.96
N THR A 87 0.72 8.32 19.02
CA THR A 87 -0.46 8.77 19.72
C THR A 87 -1.63 8.65 18.74
N PHE A 88 -2.86 8.73 19.24
CA PHE A 88 -4.03 8.78 18.36
C PHE A 88 -3.91 9.85 17.25
N GLU A 89 -3.44 11.02 17.64
CA GLU A 89 -3.36 12.16 16.76
C GLU A 89 -2.41 11.85 15.60
N GLU A 90 -1.33 11.13 15.91
CA GLU A 90 -0.37 10.74 14.91
C GLU A 90 -0.86 9.64 13.95
N ILE A 91 -1.93 8.92 14.31
CA ILE A 91 -2.49 7.84 13.46
C ILE A 91 -3.65 8.37 12.62
N LEU A 92 -4.18 9.49 13.05
CA LEU A 92 -5.35 10.08 12.43
C LEU A 92 -5.18 10.34 10.91
N PRO A 93 -4.01 10.80 10.48
CA PRO A 93 -3.89 10.98 9.03
C PRO A 93 -4.08 9.71 8.21
N GLU A 94 -3.54 8.59 8.67
CA GLU A 94 -3.72 7.32 7.97
C GLU A 94 -5.19 6.92 7.96
N ILE A 95 -5.89 7.14 9.06
CA ILE A 95 -7.31 6.84 9.12
C ILE A 95 -8.11 7.65 8.11
N ILE A 96 -7.88 8.97 8.12
CA ILE A 96 -8.53 9.91 7.22
C ILE A 96 -8.28 9.55 5.77
N ILE A 97 -7.01 9.32 5.44
CA ILE A 97 -6.59 9.01 4.06
C ILE A 97 -7.18 7.67 3.61
N SER A 98 -7.17 6.68 4.51
CA SER A 98 -7.82 5.39 4.23
C SER A 98 -9.33 5.60 3.92
N LYS A 99 -10.02 6.42 4.72
CA LYS A 99 -11.44 6.72 4.47
C LYS A 99 -11.61 7.45 3.12
N GLU A 100 -10.79 8.48 2.85
CA GLU A 100 -10.89 9.23 1.57
C GLU A 100 -10.69 8.33 0.36
N LEU A 101 -9.62 7.54 0.38
CA LEU A 101 -9.32 6.58 -0.70
C LEU A 101 -10.34 5.45 -0.90
N SER A 102 -10.95 5.02 0.20
CA SER A 102 -12.03 4.05 0.18
C SER A 102 -13.23 4.52 -0.66
N LEU A 103 -13.46 5.82 -0.75
CA LEU A 103 -14.56 6.37 -1.49
C LEU A 103 -14.39 6.30 -3.00
N LEU A 104 -13.15 6.20 -3.48
CA LEU A 104 -12.87 6.35 -4.92
C LEU A 104 -13.55 5.32 -5.83
N SER A 105 -13.75 4.10 -5.32
CA SER A 105 -14.41 3.05 -6.10
C SER A 105 -15.86 3.35 -6.49
N GLY A 106 -16.52 4.20 -5.70
CA GLY A 106 -17.92 4.59 -5.88
C GLY A 106 -18.11 6.04 -6.35
N GLU A 107 -17.02 6.73 -6.67
CA GLU A 107 -17.18 8.05 -7.22
C GLU A 107 -17.45 7.96 -8.74
N VAL A 108 -17.55 9.12 -9.41
CA VAL A 108 -17.93 9.18 -10.82
C VAL A 108 -16.92 9.87 -11.72
N CYS A 109 -16.59 11.11 -11.38
CA CYS A 109 -15.65 11.90 -12.18
C CYS A 109 -14.22 11.41 -12.06
N ASN A 110 -13.81 11.06 -10.84
CA ASN A 110 -12.53 10.46 -10.56
C ASN A 110 -12.78 9.17 -9.76
N ARG A 111 -12.81 8.08 -10.51
CA ARG A 111 -13.20 6.76 -10.03
C ARG A 111 -12.13 5.72 -10.41
N THR A 112 -11.83 4.86 -9.44
CA THR A 112 -10.96 3.70 -9.61
C THR A 112 -11.20 2.69 -8.48
N GLU A 113 -11.03 1.40 -8.77
CA GLU A 113 -11.00 0.33 -7.73
C GLU A 113 -9.58 -0.05 -7.32
N GLY A 114 -8.62 0.82 -7.66
CA GLY A 114 -7.22 0.54 -7.51
C GLY A 114 -6.61 0.83 -6.15
N PHE A 115 -7.42 1.31 -5.19
CA PHE A 115 -7.01 1.40 -3.79
C PHE A 115 -7.71 0.27 -3.03
N ILE A 116 -8.26 0.51 -1.86
CA ILE A 116 -8.78 -0.59 -1.03
C ILE A 116 -9.91 -0.02 -0.19
N GLY A 117 -10.93 -0.83 0.03
CA GLY A 117 -12.03 -0.44 0.92
C GLY A 117 -11.64 -0.46 2.39
N LEU A 118 -12.05 0.55 3.13
CA LEU A 118 -11.94 0.54 4.59
C LEU A 118 -13.34 0.30 5.14
N ASN A 119 -13.47 -0.73 5.96
CA ASN A 119 -14.79 -1.16 6.49
C ASN A 119 -15.13 -0.58 7.83
N SER A 120 -14.11 -0.47 8.70
CA SER A 120 -14.26 0.02 10.04
C SER A 120 -12.93 0.36 10.71
N VAL A 121 -13.03 1.22 11.71
CA VAL A 121 -11.94 1.63 12.54
C VAL A 121 -12.42 1.54 13.97
N HIS A 122 -11.68 0.85 14.81
CA HIS A 122 -11.97 0.79 16.24
C HIS A 122 -10.79 1.15 17.09
N CYS A 123 -11.11 1.73 18.24
CA CYS A 123 -10.17 1.87 19.31
C CYS A 123 -10.46 0.78 20.33
N VAL A 124 -9.50 -0.14 20.48
CA VAL A 124 -9.64 -1.36 21.27
C VAL A 124 -8.71 -1.24 22.48
N GLN A 125 -9.16 -1.77 23.62
CA GLN A 125 -8.35 -1.85 24.84
C GLN A 125 -8.22 -3.30 25.33
N GLY A 126 -6.99 -3.73 25.55
CA GLY A 126 -6.75 -5.06 26.14
C GLY A 126 -5.34 -5.49 25.94
N SER A 127 -4.95 -6.61 26.56
CA SER A 127 -3.69 -7.25 26.22
C SER A 127 -3.91 -7.98 24.90
N TYR A 128 -2.82 -8.36 24.27
CA TYR A 128 -2.91 -9.00 22.95
C TYR A 128 -3.50 -10.42 23.06
N PRO A 129 -4.54 -10.71 22.26
CA PRO A 129 -5.13 -12.04 22.25
C PRO A 129 -4.11 -13.18 21.99
N PRO A 130 -4.10 -14.21 22.87
CA PRO A 130 -3.24 -15.37 22.64
C PRO A 130 -3.37 -15.98 21.24
N LEU A 131 -4.55 -15.96 20.64
CA LEU A 131 -4.78 -16.52 19.30
C LEU A 131 -4.09 -15.70 18.21
N LEU A 132 -4.02 -14.39 18.41
CA LEU A 132 -3.22 -13.56 17.52
C LEU A 132 -1.75 -13.90 17.66
N LEU A 133 -1.31 -14.12 18.90
CA LEU A 133 0.07 -14.51 19.17
C LEU A 133 0.40 -15.86 18.57
N LYS A 134 -0.53 -16.82 18.67
CA LYS A 134 -0.45 -18.08 17.88
C LYS A 134 -0.24 -17.88 16.37
N ALA A 135 -1.03 -17.00 15.73
CA ALA A 135 -0.86 -16.68 14.31
C ALA A 135 0.47 -15.92 14.08
N TRP A 136 0.86 -15.07 15.03
CA TRP A 136 2.15 -14.37 14.99
C TRP A 136 3.34 -15.37 15.00
N ASP A 137 3.24 -16.34 15.89
CA ASP A 137 4.26 -17.38 16.03
C ASP A 137 4.39 -18.20 14.77
N HIS A 138 3.26 -18.52 14.13
CA HIS A 138 3.28 -19.32 12.93
C HIS A 138 3.96 -18.62 11.78
N TYR A 139 3.63 -17.34 11.58
CA TYR A 139 4.32 -16.52 10.61
C TYR A 139 5.84 -16.42 10.86
N ASN A 140 6.22 -16.20 12.12
CA ASN A 140 7.63 -16.09 12.51
C ASN A 140 8.38 -17.40 12.24
N SER A 141 7.73 -18.52 12.54
CA SER A 141 8.27 -19.85 12.27
C SER A 141 8.45 -20.16 10.80
N THR A 142 7.59 -19.61 9.95
CA THR A 142 7.59 -19.91 8.52
C THR A 142 8.28 -18.81 7.69
N LYS A 143 7.86 -17.56 7.83
CA LYS A 143 8.45 -16.46 7.08
C LYS A 143 9.57 -15.75 7.85
N GLY A 144 9.53 -15.78 9.18
CA GLY A 144 10.44 -14.96 9.99
C GLY A 144 9.89 -13.55 10.19
N SER A 145 10.10 -12.97 11.37
CA SER A 145 9.63 -11.63 11.65
C SER A 145 10.78 -10.69 11.96
N ALA A 146 10.58 -9.41 11.65
CA ALA A 146 11.50 -8.35 12.08
C ALA A 146 10.96 -7.63 13.32
N ASN A 147 9.82 -8.08 13.86
CA ASN A 147 9.16 -7.37 14.97
C ASN A 147 9.38 -8.06 16.29
N ASP A 148 9.11 -7.32 17.38
CA ASP A 148 9.00 -7.90 18.72
C ASP A 148 7.69 -8.67 18.78
N ARG A 149 7.75 -9.89 19.32
CA ARG A 149 6.56 -10.67 19.67
C ARG A 149 5.65 -9.81 20.56
N PRO A 150 4.40 -9.60 20.11
CA PRO A 150 3.61 -8.54 20.78
C PRO A 150 2.87 -9.03 22.01
N ASP A 151 3.62 -9.56 23.00
CA ASP A 151 3.04 -10.31 24.12
C ASP A 151 3.19 -9.60 25.48
N PHE A 152 3.65 -8.34 25.45
CA PHE A 152 4.11 -7.61 26.64
C PHE A 152 3.16 -6.44 26.98
N PHE A 153 2.11 -6.29 26.19
CA PHE A 153 1.12 -5.27 26.42
C PHE A 153 0.23 -5.66 27.61
N LYS A 154 -0.08 -4.66 28.44
CA LYS A 154 -0.97 -4.80 29.57
C LYS A 154 -2.41 -4.70 29.15
N ASP A 155 -3.30 -5.02 30.08
CA ASP A 155 -4.74 -5.06 29.80
C ASP A 155 -5.42 -3.68 29.59
N ASP A 156 -4.69 -2.61 29.89
CA ASP A 156 -5.08 -1.25 29.56
C ASP A 156 -4.51 -0.71 28.23
N GLN A 157 -3.71 -1.50 27.53
CA GLN A 157 -3.11 -1.07 26.27
C GLN A 157 -4.24 -0.74 25.27
N LEU A 158 -4.04 0.36 24.56
CA LEU A 158 -4.86 0.78 23.43
C LEU A 158 -4.23 0.43 22.10
N PHE A 159 -5.11 0.08 21.17
CA PHE A 159 -4.78 -0.22 19.79
C PHE A 159 -5.82 0.45 18.88
N ILE A 160 -5.37 0.79 17.68
CA ILE A 160 -6.27 1.07 16.57
C ILE A 160 -6.33 -0.22 15.74
N VAL A 161 -7.55 -0.64 15.42
CA VAL A 161 -7.85 -1.81 14.60
C VAL A 161 -8.59 -1.30 13.35
N LEU A 162 -7.90 -1.40 12.21
CA LEU A 162 -8.46 -1.07 10.88
C LEU A 162 -8.84 -2.35 10.16
N GLU A 163 -10.09 -2.44 9.75
CA GLU A 163 -10.54 -3.56 8.93
C GLU A 163 -10.74 -3.05 7.50
N PHE A 164 -9.95 -3.64 6.62
CA PHE A 164 -9.98 -3.40 5.21
C PHE A 164 -10.54 -4.59 4.49
N GLU A 165 -11.14 -4.28 3.35
CA GLU A 165 -11.35 -5.21 2.26
C GLU A 165 -10.07 -6.04 1.99
N PHE A 166 -10.25 -7.33 1.73
CA PHE A 166 -9.11 -8.18 1.41
C PHE A 166 -8.69 -7.92 -0.04
N GLY A 167 -7.45 -7.48 -0.27
CA GLY A 167 -7.02 -7.10 -1.62
C GLY A 167 -6.08 -8.07 -2.34
N GLY A 168 -5.83 -9.25 -1.77
CA GLY A 168 -5.00 -10.27 -2.41
C GLY A 168 -3.61 -10.43 -1.78
N ILE A 169 -2.61 -10.70 -2.62
CA ILE A 169 -1.23 -10.98 -2.16
C ILE A 169 -0.29 -9.85 -2.56
N ASP A 170 0.61 -9.43 -1.66
CA ASP A 170 1.57 -8.37 -2.01
C ASP A 170 2.53 -8.75 -3.17
N LEU A 171 2.91 -7.73 -3.95
CA LEU A 171 3.81 -7.87 -5.08
C LEU A 171 5.16 -8.55 -4.73
N GLU A 172 5.73 -8.23 -3.58
CA GLU A 172 6.98 -8.87 -3.19
C GLU A 172 6.86 -10.41 -3.11
N GLN A 173 5.77 -10.90 -2.52
CA GLN A 173 5.52 -12.35 -2.44
C GLN A 173 5.08 -12.94 -3.75
N MET A 174 4.58 -12.10 -4.63
CA MET A 174 4.22 -12.53 -5.99
C MET A 174 5.39 -12.48 -6.99
N ARG A 175 6.56 -12.06 -6.53
CA ARG A 175 7.72 -11.78 -7.43
C ARG A 175 8.15 -12.96 -8.31
N THR A 176 7.90 -14.19 -7.87
CA THR A 176 8.16 -15.37 -8.69
C THR A 176 6.91 -15.94 -9.35
N LYS A 177 5.78 -15.21 -9.30
CA LYS A 177 4.49 -15.80 -9.62
C LYS A 177 3.78 -15.25 -10.86
N LEU A 178 4.33 -14.22 -11.49
CA LEU A 178 3.62 -13.61 -12.63
C LEU A 178 3.87 -14.39 -13.92
N SER A 179 2.93 -14.27 -14.84
CA SER A 179 2.99 -15.04 -16.06
C SER A 179 4.07 -14.50 -17.02
N SER A 180 4.15 -13.19 -17.19
CA SER A 180 5.11 -12.57 -18.12
C SER A 180 5.22 -11.09 -17.86
N LEU A 181 6.15 -10.44 -18.58
CA LEU A 181 6.29 -8.96 -18.59
C LEU A 181 5.01 -8.21 -19.09
N ALA A 182 4.15 -8.88 -19.86
CA ALA A 182 2.86 -8.33 -20.22
C ALA A 182 2.00 -8.08 -18.96
N THR A 183 2.06 -9.02 -18.01
CA THR A 183 1.44 -8.87 -16.71
C THR A 183 2.03 -7.68 -15.97
N ALA A 184 3.36 -7.59 -15.98
CA ALA A 184 4.12 -6.44 -15.44
C ALA A 184 3.59 -5.13 -15.98
N LYS A 185 3.34 -5.09 -17.30
CA LYS A 185 2.87 -3.89 -17.98
C LYS A 185 1.49 -3.50 -17.50
N SER A 186 0.56 -4.46 -17.46
CA SER A 186 -0.75 -4.23 -16.81
C SER A 186 -0.63 -3.67 -15.39
N ILE A 187 0.25 -4.24 -14.56
CA ILE A 187 0.39 -3.82 -13.15
C ILE A 187 0.83 -2.34 -13.10
N LEU A 188 1.81 -1.99 -13.93
CA LEU A 188 2.31 -0.61 -14.00
C LEU A 188 1.23 0.39 -14.48
N HIS A 189 0.46 -0.01 -15.50
CA HIS A 189 -0.61 0.78 -16.08
C HIS A 189 -1.71 1.02 -15.02
N GLN A 190 -2.15 -0.07 -14.38
CA GLN A 190 -3.13 0.00 -13.29
C GLN A 190 -2.65 0.94 -12.14
N LEU A 191 -1.39 0.79 -11.73
CA LEU A 191 -0.81 1.60 -10.67
C LEU A 191 -0.75 3.07 -11.05
N THR A 192 -0.32 3.33 -12.29
CA THR A 192 -0.22 4.70 -12.77
C THR A 192 -1.58 5.35 -12.86
N ALA A 193 -2.56 4.66 -13.44
CA ALA A 193 -3.94 5.14 -13.49
C ALA A 193 -4.54 5.43 -12.11
N SER A 194 -4.34 4.51 -11.17
CA SER A 194 -4.86 4.67 -9.80
C SER A 194 -4.30 5.92 -9.14
N LEU A 195 -2.98 6.09 -9.24
CA LEU A 195 -2.31 7.25 -8.69
C LEU A 195 -2.77 8.56 -9.38
N ALA A 196 -2.99 8.53 -10.68
CA ALA A 196 -3.48 9.69 -11.41
C ALA A 196 -4.88 10.11 -10.93
N VAL A 197 -5.78 9.14 -10.78
CA VAL A 197 -7.13 9.43 -10.33
C VAL A 197 -7.10 10.08 -8.91
N ALA A 198 -6.26 9.56 -8.02
CA ALA A 198 -6.11 10.14 -6.66
C ALA A 198 -5.43 11.49 -6.66
N GLU A 199 -4.46 11.70 -7.56
CA GLU A 199 -3.86 13.04 -7.78
C GLU A 199 -4.94 14.05 -8.19
N ALA A 200 -5.77 13.67 -9.19
CA ALA A 200 -6.85 14.51 -9.70
C ALA A 200 -7.90 14.82 -8.63
N SER A 201 -8.31 13.79 -7.90
CA SER A 201 -9.37 13.93 -6.92
C SER A 201 -8.93 14.59 -5.63
N LEU A 202 -7.73 14.21 -5.17
CA LEU A 202 -7.32 14.43 -3.78
C LEU A 202 -5.93 15.03 -3.60
N ARG A 203 -5.23 15.28 -4.72
CA ARG A 203 -3.82 15.72 -4.71
C ARG A 203 -3.02 14.82 -3.77
N PHE A 204 -3.10 13.54 -4.11
CA PHE A 204 -2.61 12.46 -3.32
C PHE A 204 -1.17 12.07 -3.70
N GLU A 205 -0.37 11.83 -2.67
CA GLU A 205 0.87 11.16 -2.80
C GLU A 205 0.90 9.99 -1.85
N HIS A 206 1.24 8.81 -2.36
CA HIS A 206 1.37 7.67 -1.50
C HIS A 206 2.56 7.80 -0.54
N ARG A 207 3.72 8.15 -1.08
CA ARG A 207 4.97 8.39 -0.33
C ARG A 207 5.68 7.18 0.29
N ASP A 208 5.14 5.96 0.12
CA ASP A 208 5.76 4.72 0.67
C ASP A 208 5.36 3.47 -0.12
N LEU A 209 5.31 3.61 -1.44
CA LEU A 209 4.80 2.56 -2.31
C LEU A 209 5.88 1.52 -2.72
N HIS A 210 6.49 0.92 -1.70
CA HIS A 210 7.39 -0.23 -1.94
C HIS A 210 6.53 -1.44 -2.31
N TRP A 211 7.16 -2.51 -2.79
CA TRP A 211 6.42 -3.64 -3.32
C TRP A 211 5.64 -4.46 -2.31
N GLY A 212 5.82 -4.19 -1.03
CA GLY A 212 4.95 -4.80 -0.03
C GLY A 212 3.56 -4.15 0.03
N ASN A 213 3.49 -2.88 -0.41
CA ASN A 213 2.27 -2.05 -0.38
C ASN A 213 1.46 -2.08 -1.70
N VAL A 214 1.71 -3.09 -2.54
CA VAL A 214 0.99 -3.29 -3.77
C VAL A 214 0.42 -4.69 -3.72
N LEU A 215 -0.91 -4.84 -3.91
CA LEU A 215 -1.57 -6.13 -3.78
C LEU A 215 -2.09 -6.58 -5.14
N LEU A 216 -2.01 -7.88 -5.39
CA LEU A 216 -2.52 -8.51 -6.58
C LEU A 216 -3.60 -9.54 -6.17
N LYS A 217 -4.72 -9.46 -6.84
CA LYS A 217 -5.82 -10.42 -6.69
C LYS A 217 -6.27 -10.85 -8.08
N LYS A 218 -6.41 -12.16 -8.25
CA LYS A 218 -7.01 -12.75 -9.47
C LYS A 218 -8.41 -12.20 -9.77
N THR A 219 -8.65 -11.97 -11.06
CA THR A 219 -9.93 -11.46 -11.52
C THR A 219 -10.30 -12.11 -12.85
N SER A 220 -11.59 -12.36 -13.02
CA SER A 220 -12.11 -12.89 -14.27
C SER A 220 -12.37 -11.77 -15.26
N LEU A 221 -12.45 -10.53 -14.78
CA LEU A 221 -12.60 -9.37 -15.68
C LEU A 221 -11.41 -9.29 -16.63
N LYS A 222 -11.70 -9.06 -17.91
CA LYS A 222 -10.65 -8.93 -18.92
C LYS A 222 -10.11 -7.50 -19.02
N LYS A 223 -10.98 -6.53 -18.74
CA LYS A 223 -10.65 -5.11 -18.83
C LYS A 223 -11.09 -4.44 -17.53
N LEU A 224 -10.23 -3.57 -17.00
CA LEU A 224 -10.55 -2.83 -15.77
C LEU A 224 -10.83 -1.38 -16.12
N HIS A 225 -11.75 -0.75 -15.38
CA HIS A 225 -12.20 0.59 -15.73
C HIS A 225 -11.76 1.63 -14.75
N TYR A 226 -11.42 2.81 -15.25
CA TYR A 226 -11.21 3.97 -14.42
C TYR A 226 -11.75 5.20 -15.13
N THR A 227 -12.03 6.23 -14.34
CA THR A 227 -12.46 7.54 -14.84
C THR A 227 -11.55 8.60 -14.25
N LEU A 228 -10.96 9.38 -15.15
CA LEU A 228 -10.08 10.49 -14.82
C LEU A 228 -10.68 11.79 -15.33
N ASN A 229 -11.10 12.62 -14.40
CA ASN A 229 -11.79 13.90 -14.72
C ASN A 229 -12.84 13.72 -15.78
N GLY A 230 -13.71 12.74 -15.56
CA GLY A 230 -14.89 12.59 -16.38
C GLY A 230 -14.69 11.73 -17.61
N LYS A 231 -13.44 11.37 -17.92
CA LYS A 231 -13.13 10.51 -19.07
C LYS A 231 -12.80 9.06 -18.63
N SER A 232 -13.64 8.14 -19.03
CA SER A 232 -13.46 6.75 -18.69
C SER A 232 -12.57 6.04 -19.70
N SER A 233 -11.66 5.19 -19.18
CA SER A 233 -10.80 4.37 -20.03
C SER A 233 -10.67 2.99 -19.41
N THR A 234 -10.12 2.06 -20.17
CA THR A 234 -9.92 0.70 -19.72
C THR A 234 -8.49 0.26 -19.86
N ILE A 235 -8.17 -0.79 -19.10
CA ILE A 235 -6.84 -1.40 -19.02
C ILE A 235 -7.05 -2.92 -19.05
N PRO A 236 -6.41 -3.61 -20.01
CA PRO A 236 -6.42 -5.07 -19.92
C PRO A 236 -5.83 -5.52 -18.58
N SER A 237 -6.58 -6.39 -17.90
CA SER A 237 -6.20 -6.85 -16.58
C SER A 237 -5.06 -7.88 -16.52
N CYS A 238 -4.84 -8.65 -17.61
CA CYS A 238 -4.01 -9.89 -17.52
C CYS A 238 -4.35 -10.73 -16.28
N GLY A 239 -5.62 -10.74 -15.90
CA GLY A 239 -6.12 -11.60 -14.85
C GLY A 239 -5.88 -11.15 -13.44
N LEU A 240 -5.41 -9.91 -13.27
CA LEU A 240 -5.15 -9.34 -11.94
C LEU A 240 -5.78 -7.95 -11.73
N GLN A 241 -6.27 -7.77 -10.51
CA GLN A 241 -6.66 -6.47 -10.04
C GLN A 241 -5.63 -6.05 -9.02
N VAL A 242 -5.01 -4.91 -9.30
CA VAL A 242 -4.02 -4.29 -8.43
C VAL A 242 -4.66 -3.32 -7.45
N SER A 243 -4.30 -3.45 -6.17
CA SER A 243 -4.71 -2.53 -5.13
C SER A 243 -3.48 -1.92 -4.42
N ILE A 244 -3.47 -0.60 -4.31
CA ILE A 244 -2.50 0.17 -3.55
C ILE A 244 -3.05 0.33 -2.14
N ILE A 245 -2.21 -0.02 -1.17
CA ILE A 245 -2.57 -0.10 0.23
C ILE A 245 -1.57 0.66 1.11
N ASP A 246 -1.98 0.81 2.36
CA ASP A 246 -1.08 1.15 3.48
C ASP A 246 -0.58 2.60 3.44
N TYR A 247 -1.40 3.49 4.00
CA TYR A 247 -1.28 4.96 3.81
C TYR A 247 -0.62 5.69 5.00
N THR A 248 0.36 5.02 5.62
CA THR A 248 1.10 5.50 6.77
C THR A 248 1.89 6.77 6.52
N LEU A 249 2.44 6.92 5.32
CA LEU A 249 3.23 8.11 5.02
C LEU A 249 2.52 9.07 4.04
N SER A 250 1.27 8.76 3.73
CA SER A 250 0.60 9.37 2.60
C SER A 250 0.13 10.79 2.93
N ARG A 251 -0.22 11.52 1.88
CA ARG A 251 -0.62 12.90 1.96
C ARG A 251 -1.74 13.14 0.92
N LEU A 252 -2.68 13.97 1.29
CA LEU A 252 -3.72 14.43 0.38
C LEU A 252 -4.33 15.74 0.89
N GLU A 253 -5.28 16.29 0.13
CA GLU A 253 -6.01 17.46 0.58
C GLU A 253 -7.37 17.56 -0.04
N ARG A 254 -8.29 18.20 0.67
CA ARG A 254 -9.58 18.62 0.13
C ARG A 254 -9.85 20.03 0.59
N ASP A 255 -10.26 20.90 -0.35
CA ASP A 255 -10.60 22.29 -0.05
C ASP A 255 -9.53 23.02 0.72
N GLY A 256 -8.29 22.80 0.29
CA GLY A 256 -7.10 23.44 0.87
C GLY A 256 -6.67 22.95 2.24
N ILE A 257 -7.30 21.89 2.75
CA ILE A 257 -6.94 21.31 4.05
C ILE A 257 -6.12 20.05 3.79
N VAL A 258 -4.86 20.08 4.20
CA VAL A 258 -3.92 19.00 3.91
C VAL A 258 -3.84 18.03 5.09
N VAL A 259 -3.83 16.74 4.76
CA VAL A 259 -3.66 15.65 5.71
C VAL A 259 -2.40 14.90 5.33
N PHE A 260 -1.45 14.75 6.24
CA PHE A 260 -0.18 14.09 5.91
C PHE A 260 0.58 13.60 7.11
N CYS A 261 1.62 12.82 6.82
CA CYS A 261 2.60 12.40 7.83
C CYS A 261 3.82 13.29 7.77
N ASP A 262 4.00 14.12 8.80
CA ASP A 262 5.13 15.05 8.84
C ASP A 262 6.36 14.30 9.30
N VAL A 263 7.27 14.02 8.36
CA VAL A 263 8.49 13.25 8.64
C VAL A 263 9.74 14.11 8.57
N SER A 264 9.58 15.42 8.79
CA SER A 264 10.64 16.39 8.57
C SER A 264 11.75 16.32 9.64
N MET A 265 11.45 15.68 10.78
CA MET A 265 12.40 15.45 11.86
C MET A 265 12.72 13.97 12.04
N ASP A 266 12.19 13.10 11.17
CA ASP A 266 12.47 11.66 11.23
C ASP A 266 13.78 11.39 10.50
N GLU A 267 14.87 11.29 11.27
CA GLU A 267 16.22 11.11 10.73
C GLU A 267 16.42 9.77 10.00
N ASP A 268 15.97 8.69 10.62
CA ASP A 268 16.24 7.34 10.14
C ASP A 268 15.59 6.94 8.80
N LEU A 269 14.41 7.48 8.49
CA LEU A 269 13.71 7.23 7.22
C LEU A 269 14.61 7.50 5.99
N PHE A 270 15.51 8.46 6.15
CA PHE A 270 16.38 8.96 5.09
C PHE A 270 17.81 8.41 5.11
N THR A 271 18.12 7.51 6.04
CA THR A 271 19.47 6.95 6.15
C THR A 271 19.52 5.44 5.82
N GLY A 272 18.50 4.93 5.15
CA GLY A 272 18.41 3.51 4.79
C GLY A 272 19.35 3.11 3.67
N ASP A 273 19.55 1.81 3.49
CA ASP A 273 20.58 1.30 2.60
C ASP A 273 20.26 -0.13 2.16
N GLY A 274 20.75 -0.52 0.97
CA GLY A 274 20.62 -1.90 0.49
C GLY A 274 19.51 -2.17 -0.51
N ASP A 275 18.77 -1.11 -0.86
CA ASP A 275 17.63 -1.19 -1.78
C ASP A 275 17.40 0.23 -2.28
N TYR A 276 17.08 0.31 -3.57
CA TYR A 276 16.59 1.52 -4.18
C TYR A 276 15.38 2.15 -3.41
N GLN A 277 14.60 1.33 -2.72
CA GLN A 277 13.56 1.85 -1.82
C GLN A 277 14.04 2.96 -0.95
N PHE A 278 15.22 2.77 -0.35
CA PHE A 278 15.72 3.74 0.62
C PHE A 278 16.25 5.03 -0.02
N ASP A 279 16.60 4.96 -1.30
CA ASP A 279 16.90 6.17 -2.07
C ASP A 279 15.63 6.99 -2.33
N ILE A 280 14.49 6.33 -2.52
CA ILE A 280 13.26 7.06 -2.81
C ILE A 280 12.96 8.06 -1.68
N TYR A 281 13.13 7.64 -0.42
CA TYR A 281 12.87 8.58 0.69
C TYR A 281 13.73 9.85 0.58
N ARG A 282 15.02 9.67 0.28
CA ARG A 282 15.92 10.78 0.07
C ARG A 282 15.54 11.66 -1.11
N LEU A 283 15.19 11.02 -2.23
CA LEU A 283 14.79 11.74 -3.44
C LEU A 283 13.51 12.56 -3.24
N MET A 284 12.55 12.01 -2.50
CA MET A 284 11.35 12.77 -2.11
C MET A 284 11.66 14.00 -1.28
N LYS A 285 12.50 13.82 -0.27
CA LYS A 285 12.97 14.93 0.57
C LYS A 285 13.71 16.01 -0.23
N LYS A 286 14.54 15.61 -1.19
CA LYS A 286 15.16 16.53 -2.16
C LYS A 286 14.11 17.32 -2.96
N GLU A 287 13.13 16.59 -3.51
CA GLU A 287 12.05 17.19 -4.34
C GLU A 287 11.22 18.21 -3.55
N ASN A 288 10.90 17.89 -2.29
CA ASN A 288 10.03 18.75 -1.48
C ASN A 288 10.75 19.66 -0.51
N ASN A 289 12.10 19.64 -0.49
CA ASN A 289 12.88 20.48 0.44
C ASN A 289 12.54 20.24 1.90
N ASN A 290 12.24 19.00 2.24
CA ASN A 290 11.75 18.62 3.56
C ASN A 290 10.44 19.30 4.00
N ARG A 291 9.67 19.84 3.04
CA ARG A 291 8.33 20.36 3.34
C ARG A 291 7.23 19.37 2.91
N TRP A 292 6.81 18.54 3.86
CA TRP A 292 5.92 17.40 3.60
C TRP A 292 4.45 17.81 3.47
N GLY A 293 4.12 19.03 3.89
CA GLY A 293 2.77 19.54 3.75
C GLY A 293 2.45 19.87 2.31
N GLU A 294 3.49 20.17 1.53
CA GLU A 294 3.31 20.59 0.14
C GLU A 294 2.92 19.42 -0.78
N TYR A 295 2.41 19.78 -1.94
CA TYR A 295 2.03 18.83 -2.95
C TYR A 295 3.12 18.67 -3.99
N HIS A 296 3.71 17.48 -4.02
CA HIS A 296 4.75 17.14 -4.98
C HIS A 296 4.44 15.81 -5.61
N PRO A 297 3.52 15.80 -6.60
CA PRO A 297 3.15 14.52 -7.22
C PRO A 297 4.30 13.74 -7.90
N TYR A 298 5.45 14.38 -8.05
CA TYR A 298 6.64 13.70 -8.55
C TYR A 298 7.00 12.50 -7.68
N SER A 299 6.60 12.51 -6.41
CA SER A 299 6.90 11.37 -5.52
C SER A 299 6.25 10.09 -6.02
N ASN A 300 5.04 10.19 -6.58
CA ASN A 300 4.37 9.05 -7.25
C ASN A 300 5.16 8.46 -8.43
N VAL A 301 5.72 9.34 -9.24
CA VAL A 301 6.63 8.96 -10.35
C VAL A 301 7.88 8.25 -9.81
N LEU A 302 8.49 8.78 -8.76
CA LEU A 302 9.65 8.12 -8.09
C LEU A 302 9.31 6.71 -7.63
N TRP A 303 8.19 6.54 -6.92
CA TRP A 303 7.76 5.20 -6.51
C TRP A 303 7.49 4.28 -7.68
N LEU A 304 6.85 4.83 -8.70
CA LEU A 304 6.60 4.09 -9.94
C LEU A 304 7.91 3.68 -10.63
N HIS A 305 8.95 4.53 -10.51
CA HIS A 305 10.26 4.22 -11.06
C HIS A 305 10.89 3.05 -10.28
N TYR A 306 10.84 3.13 -8.95
CA TYR A 306 11.26 2.06 -8.04
C TYR A 306 10.55 0.71 -8.37
N LEU A 307 9.26 0.78 -8.69
CA LEU A 307 8.44 -0.40 -8.95
C LEU A 307 8.81 -1.01 -10.31
N THR A 308 8.97 -0.18 -11.33
CA THR A 308 9.46 -0.58 -12.66
C THR A 308 10.83 -1.27 -12.55
N ASP A 309 11.69 -0.72 -11.70
CA ASP A 309 13.02 -1.28 -11.46
C ASP A 309 12.92 -2.69 -10.89
N LYS A 310 12.04 -2.84 -9.89
CA LYS A 310 11.81 -4.13 -9.25
C LYS A 310 11.32 -5.14 -10.29
N MET A 311 10.45 -4.69 -11.18
CA MET A 311 9.89 -5.53 -12.20
C MET A 311 10.92 -6.07 -13.22
N LEU A 312 11.92 -5.24 -13.53
CA LEU A 312 12.93 -5.55 -14.53
C LEU A 312 14.08 -6.35 -13.95
N LYS A 313 14.24 -6.29 -12.62
CA LYS A 313 15.39 -6.87 -11.95
C LYS A 313 15.13 -8.00 -10.97
N GLN A 314 13.97 -7.98 -10.31
CA GLN A 314 13.74 -8.83 -9.14
C GLN A 314 12.52 -9.77 -9.27
N MET A 315 11.98 -9.89 -10.49
CA MET A 315 10.87 -10.77 -10.77
C MET A 315 11.31 -11.92 -11.63
N THR A 316 10.68 -13.07 -11.42
CA THR A 316 10.85 -14.21 -12.31
C THR A 316 9.47 -14.55 -12.85
N PHE A 317 9.42 -14.80 -14.15
CA PHE A 317 8.18 -14.94 -14.93
C PHE A 317 8.06 -16.35 -15.48
N LYS A 318 6.83 -16.85 -15.55
CA LYS A 318 6.60 -18.18 -16.13
C LYS A 318 7.09 -18.24 -17.57
N THR A 319 6.73 -17.25 -18.39
CA THR A 319 7.27 -17.09 -19.75
C THR A 319 8.53 -16.22 -19.71
N LYS A 320 9.60 -16.77 -20.29
CA LYS A 320 10.92 -16.13 -20.28
C LYS A 320 11.02 -15.23 -21.50
N CYS A 321 12.17 -14.58 -21.59
CA CYS A 321 12.41 -13.60 -22.63
C CYS A 321 13.06 -14.28 -23.83
N ASN A 322 12.19 -14.89 -24.63
CA ASN A 322 12.51 -15.73 -25.76
C ASN A 322 11.42 -15.71 -26.89
N THR A 323 10.58 -14.66 -26.96
CA THR A 323 9.70 -14.44 -28.14
C THR A 323 9.72 -12.98 -28.58
N PRO A 324 9.25 -12.69 -29.82
CA PRO A 324 9.23 -11.29 -30.28
C PRO A 324 8.39 -10.37 -29.39
N ALA A 325 7.10 -10.68 -29.21
CA ALA A 325 6.19 -9.92 -28.31
C ALA A 325 6.81 -9.62 -26.94
N MET A 326 7.52 -10.59 -26.38
CA MET A 326 8.10 -10.44 -25.05
C MET A 326 9.30 -9.50 -25.05
N LYS A 327 10.14 -9.59 -26.07
CA LYS A 327 11.30 -8.70 -26.15
C LYS A 327 10.80 -7.27 -26.36
N GLN A 328 9.71 -7.12 -27.11
CA GLN A 328 9.13 -5.79 -27.36
C GLN A 328 8.56 -5.14 -26.07
N ILE A 329 7.79 -5.90 -25.27
CA ILE A 329 7.28 -5.40 -23.97
C ILE A 329 8.44 -5.02 -23.07
N LYS A 330 9.42 -5.91 -22.97
CA LYS A 330 10.62 -5.63 -22.20
C LYS A 330 11.30 -4.34 -22.64
N ARG A 331 11.41 -4.12 -23.95
CA ARG A 331 12.01 -2.90 -24.47
C ARG A 331 11.15 -1.69 -24.09
N LYS A 332 9.83 -1.83 -24.22
CA LYS A 332 8.90 -0.79 -23.78
C LYS A 332 9.03 -0.47 -22.28
N ILE A 333 9.12 -1.49 -21.42
CA ILE A 333 9.26 -1.25 -19.96
C ILE A 333 10.61 -0.64 -19.63
N GLN A 334 11.64 -1.10 -20.34
CA GLN A 334 12.96 -0.51 -20.27
C GLN A 334 12.97 0.94 -20.70
N GLU A 335 12.30 1.25 -21.80
CA GLU A 335 12.24 2.66 -22.23
C GLU A 335 11.47 3.52 -21.23
N PHE A 336 10.42 2.95 -20.66
CA PHE A 336 9.61 3.61 -19.62
C PHE A 336 10.51 3.98 -18.42
N HIS A 337 11.27 2.98 -17.98
CA HIS A 337 12.21 3.12 -16.87
C HIS A 337 13.21 4.25 -17.10
N ARG A 338 13.74 4.33 -18.33
CA ARG A 338 14.73 5.36 -18.64
C ARG A 338 14.17 6.74 -18.97
N THR A 339 12.87 6.85 -19.24
CA THR A 339 12.24 8.16 -19.52
C THR A 339 11.28 8.72 -18.43
N MET A 340 10.70 7.85 -17.61
CA MET A 340 9.58 8.24 -16.73
C MET A 340 9.93 9.32 -15.69
N LEU A 341 11.19 9.39 -15.25
CA LEU A 341 11.61 10.45 -14.32
C LEU A 341 11.57 11.89 -14.90
N ASN A 342 11.32 12.00 -16.20
CA ASN A 342 11.12 13.28 -16.88
C ASN A 342 9.64 13.71 -16.95
N PHE A 343 8.77 12.97 -16.27
CA PHE A 343 7.35 13.33 -16.12
C PHE A 343 7.08 13.82 -14.68
N SER A 344 6.07 14.67 -14.56
CA SER A 344 5.86 15.51 -13.39
C SER A 344 4.88 14.93 -12.33
N SER A 345 4.20 13.84 -12.68
CA SER A 345 3.15 13.25 -11.87
C SER A 345 2.71 11.92 -12.53
N ALA A 346 1.96 11.09 -11.80
CA ALA A 346 1.31 9.91 -12.40
C ALA A 346 0.31 10.28 -13.51
N THR A 347 -0.33 11.44 -13.38
CA THR A 347 -1.29 11.93 -14.35
C THR A 347 -0.56 12.22 -15.67
N ASP A 348 0.55 12.94 -15.58
CA ASP A 348 1.42 13.21 -16.73
C ASP A 348 1.85 11.90 -17.41
N LEU A 349 2.35 10.95 -16.62
CA LEU A 349 2.68 9.61 -17.18
C LEU A 349 1.51 8.93 -17.89
N LEU A 350 0.35 8.88 -17.24
CA LEU A 350 -0.77 8.17 -17.80
C LEU A 350 -1.24 8.80 -19.12
N CYS A 351 -1.35 10.13 -19.13
CA CYS A 351 -1.83 10.91 -20.28
C CYS A 351 -0.83 11.06 -21.47
N GLN A 352 0.46 11.04 -21.15
CA GLN A 352 1.52 11.39 -22.10
C GLN A 352 2.50 10.27 -22.43
N HIS A 353 2.74 9.35 -21.50
CA HIS A 353 3.75 8.32 -21.78
C HIS A 353 3.32 7.31 -22.84
N SER A 354 4.25 7.00 -23.73
CA SER A 354 4.02 6.13 -24.87
C SER A 354 3.66 4.70 -24.44
N LEU A 355 4.13 4.29 -23.27
CA LEU A 355 3.87 2.98 -22.73
C LEU A 355 2.36 2.63 -22.68
N PHE A 356 1.53 3.64 -22.44
CA PHE A 356 0.12 3.46 -22.16
C PHE A 356 -0.77 3.86 -23.30
N LYS A 357 -0.18 4.02 -24.49
CA LYS A 357 -0.95 4.46 -25.64
C LYS A 357 -1.39 3.27 -26.49
C4 DZO B . -5.89 -5.15 2.67
C3 DZO B . -2.07 -7.54 2.73
C2 DZO B . -4.70 -4.93 3.25
C1 DZO B . -3.91 -6.04 2.94
C10 DZO B . 0.06 -5.91 4.11
C12 DZO B . 1.16 -5.27 4.65
CL1 DZO B . 0.96 -3.70 5.38
C17 DZO B . 2.41 -5.85 4.63
C15 DZO B . 2.59 -7.09 4.02
C16 DZO B . 1.50 -7.76 3.48
C9 DZO B . 0.22 -7.17 3.51
N4 DZO B . -0.79 -7.90 2.97
C5 DZO B . -2.87 -8.40 1.98
C7 DZO B . -4.20 -8.09 1.72
N1 DZO B . -2.60 -6.37 3.17
N2 DZO B . -4.73 -6.88 2.19
N3 DZO B . -5.85 -6.33 2.04
C6 DZO B . -4.23 -3.81 3.93
C8 DZO B . -4.63 -2.53 3.50
C13 DZO B . -3.28 -3.89 4.94
C14 DZO B . -2.78 -2.76 5.57
C18 DZO B . -3.22 -1.52 5.16
C11 DZO B . -4.12 -1.38 4.11
N5 DZO B . -4.50 -0.15 3.72
NI NI C . -17.98 -1.55 16.41
C1 EDO D . -11.69 -1.09 -4.18
O1 EDO D . -10.79 -2.17 -3.80
C2 EDO D . -12.85 -1.69 -4.99
O2 EDO D . -13.84 -2.22 -4.10
C1 EDO E . -7.14 1.23 -12.62
O1 EDO E . -6.94 2.28 -11.66
C2 EDO E . -7.05 -0.16 -12.03
O2 EDO E . -7.87 -0.35 -10.87
C1 EDO F . -17.59 12.67 1.04
O1 EDO F . -16.83 12.92 -0.17
C2 EDO F . -17.71 13.94 1.88
O2 EDO F . -18.88 14.66 1.48
C1 EDO G . -17.26 -7.07 6.65
O1 EDO G . -17.00 -5.70 6.99
C2 EDO G . -16.66 -7.43 5.33
O2 EDO G . -17.10 -6.52 4.31
C1 EDO H . -2.94 -13.60 -6.46
O1 EDO H . -3.08 -14.54 -7.50
C2 EDO H . -4.00 -13.90 -5.42
O2 EDO H . -5.30 -13.74 -6.01
C1 EDO I . 17.05 -1.94 -17.23
O1 EDO I . 17.07 -0.96 -16.17
C2 EDO I . 17.08 -3.36 -16.64
O2 EDO I . 16.55 -4.30 -17.59
C1 EDO J . -9.56 -6.23 -4.46
O1 EDO J . -9.15 -6.95 -5.63
C2 EDO J . -10.37 -5.02 -4.89
O2 EDO J . -9.68 -4.26 -5.90
#